data_9CPM
#
_entry.id   9CPM
#
_cell.length_a   51.927
_cell.length_b   66.032
_cell.length_c   74.057
_cell.angle_alpha   90.00
_cell.angle_beta   100.14
_cell.angle_gamma   90.00
#
_symmetry.space_group_name_H-M   'P 1 21 1'
#
loop_
_entity.id
_entity.type
_entity.pdbx_description
1 polymer Laccase
2 non-polymer 'COPPER (II) ION'
3 non-polymer GLYCEROL
4 water water
#
_entity_poly.entity_id   1
_entity_poly.type   'polypeptide(L)'
_entity_poly.pdbx_seq_one_letter_code
;MQGPSFPEPKVVRSQGGLLSLKLSATPTPLALAGQRATLLTYGGSFPGPTLRVRPRDTVRLTLENRLPEPTNLHWHGLPI
SPKVDDPFLEIPPGESWTYEFTVPKELAGTFWYHPHLHGRVAPQLFAGLLGALVVESSLDAIPELREAEEHLLVLKDLAL
QGGRPAPHTPMDWMNGKEGDLVLVNGALRPTLVAQKATLRLRLLNASNARYYRLALQDHPLYLIAADGGFLEEPLEVSEL
LLAPGERAEVLVRLRKEGRFLLQALPYDRGAMGGMPQGPSRPETLLYLIAPKNPKPLPLPKALSPFPTLPAPVVTRRLVL
TEDMMAARFFINGQVFDHRRVDLKGQAQTVEVWEVENQGDMDHPFHLHVHPFQVLSVGGRPFPYRAWKDVVNLKAGEVAR
LLVPLREKGRTVFHCHIVEHEDRGMMGVLEVG
;
_entity_poly.pdbx_strand_id   A
#
loop_
_chem_comp.id
_chem_comp.type
_chem_comp.name
_chem_comp.formula
CU non-polymer 'COPPER (II) ION' 'Cu 2'
GOL non-polymer GLYCEROL 'C3 H8 O3'
#
# COMPACT_ATOMS: atom_id res chain seq x y z
N SER A 5 -11.06 19.56 -13.15
CA SER A 5 -11.33 18.10 -13.02
C SER A 5 -10.19 17.40 -12.28
N PHE A 6 -10.44 17.03 -11.02
CA PHE A 6 -9.40 16.47 -10.15
C PHE A 6 -8.95 15.11 -10.68
N PRO A 7 -7.66 14.89 -10.97
CA PRO A 7 -7.21 13.64 -11.55
C PRO A 7 -7.42 12.51 -10.54
N GLU A 8 -7.96 11.41 -11.01
CA GLU A 8 -8.26 10.25 -10.18
C GLU A 8 -8.54 9.11 -11.12
N PRO A 9 -8.06 7.90 -10.82
CA PRO A 9 -8.23 6.78 -11.74
C PRO A 9 -9.69 6.49 -12.00
N LYS A 10 -9.94 6.07 -13.24
CA LYS A 10 -11.24 5.55 -13.58
C LYS A 10 -11.59 4.35 -12.70
N VAL A 11 -12.89 4.17 -12.48
CA VAL A 11 -13.34 3.12 -11.59
C VAL A 11 -14.07 2.06 -12.40
N VAL A 12 -13.73 0.79 -12.15
CA VAL A 12 -14.44 -0.36 -12.71
C VAL A 12 -15.10 -1.07 -11.55
N ARG A 13 -16.42 -1.22 -11.60
CA ARG A 13 -17.16 -1.78 -10.49
C ARG A 13 -17.70 -3.15 -10.85
N SER A 14 -17.82 -4.01 -9.83
CA SER A 14 -18.48 -5.29 -9.97
C SER A 14 -19.93 -5.04 -10.29
N GLN A 15 -20.58 -6.03 -10.91
N GLN A 15 -20.60 -6.04 -10.88
CA GLN A 15 -22.02 -6.00 -11.09
CA GLN A 15 -22.04 -5.96 -11.12
C GLN A 15 -22.58 -7.41 -10.94
C GLN A 15 -22.62 -7.38 -11.00
N GLY A 16 -23.68 -7.50 -10.18
CA GLY A 16 -24.38 -8.74 -9.97
C GLY A 16 -23.52 -9.76 -9.28
N GLY A 17 -22.57 -9.28 -8.48
CA GLY A 17 -21.72 -10.17 -7.71
C GLY A 17 -20.43 -10.58 -8.40
N LEU A 18 -20.13 -10.01 -9.56
CA LEU A 18 -18.99 -10.40 -10.35
C LEU A 18 -18.28 -9.14 -10.89
N LEU A 19 -16.95 -9.13 -10.75
CA LEU A 19 -16.13 -8.21 -11.50
C LEU A 19 -15.26 -9.04 -12.43
N SER A 20 -15.55 -8.97 -13.72
CA SER A 20 -14.85 -9.72 -14.74
C SER A 20 -14.19 -8.71 -15.66
N LEU A 21 -12.86 -8.78 -15.78
CA LEU A 21 -12.11 -7.75 -16.48
C LEU A 21 -10.83 -8.37 -17.04
N LYS A 22 -10.48 -7.95 -18.26
CA LYS A 22 -9.18 -8.18 -18.83
C LYS A 22 -8.34 -6.91 -18.69
N LEU A 23 -7.18 -7.01 -18.05
CA LEU A 23 -6.26 -5.91 -17.91
C LEU A 23 -5.00 -6.30 -18.66
N SER A 24 -4.55 -5.42 -19.56
CA SER A 24 -3.28 -5.58 -20.23
C SER A 24 -2.20 -4.77 -19.53
N ALA A 25 -1.07 -5.39 -19.32
CA ALA A 25 0.16 -4.73 -18.88
C ALA A 25 1.01 -4.43 -20.13
N THR A 26 1.17 -3.16 -20.41
CA THR A 26 1.70 -2.76 -21.71
C THR A 26 2.45 -1.44 -21.56
N PRO A 27 3.52 -1.21 -22.35
CA PRO A 27 4.09 0.11 -22.46
C PRO A 27 3.10 1.05 -23.12
N THR A 28 2.94 2.22 -22.52
CA THR A 28 1.90 3.17 -22.87
C THR A 28 2.51 4.57 -22.93
N PRO A 29 2.44 5.29 -24.08
CA PRO A 29 2.80 6.71 -24.08
C PRO A 29 1.76 7.57 -23.38
N LEU A 30 2.23 8.45 -22.50
CA LEU A 30 1.41 9.32 -21.70
C LEU A 30 2.03 10.70 -21.67
N ALA A 31 1.20 11.69 -21.38
CA ALA A 31 1.69 12.99 -20.99
C ALA A 31 1.62 13.03 -19.47
N LEU A 32 2.72 13.40 -18.83
CA LEU A 32 2.78 13.37 -17.38
C LEU A 32 3.64 14.53 -16.88
N ALA A 33 3.13 15.30 -15.88
CA ALA A 33 3.90 16.36 -15.27
C ALA A 33 4.55 17.26 -16.33
N GLY A 34 3.82 17.53 -17.40
CA GLY A 34 4.23 18.49 -18.41
C GLY A 34 5.29 17.94 -19.35
N GLN A 35 5.37 16.62 -19.46
CA GLN A 35 6.30 16.02 -20.40
C GLN A 35 5.74 14.73 -20.96
N ARG A 36 6.39 14.22 -21.98
CA ARG A 36 5.95 13.00 -22.62
C ARG A 36 6.80 11.83 -22.12
N ALA A 37 6.16 10.72 -21.79
CA ALA A 37 6.91 9.60 -21.31
C ALA A 37 6.17 8.33 -21.65
N THR A 38 6.89 7.22 -21.74
CA THR A 38 6.27 5.93 -21.94
C THR A 38 6.43 5.16 -20.62
N LEU A 39 5.30 4.84 -19.98
CA LEU A 39 5.34 4.07 -18.76
C LEU A 39 4.82 2.65 -19.03
N LEU A 40 5.01 1.74 -18.07
CA LEU A 40 4.34 0.46 -18.12
C LEU A 40 3.06 0.59 -17.30
N THR A 41 1.92 0.28 -17.92
CA THR A 41 0.63 0.48 -17.26
C THR A 41 -0.26 -0.74 -17.34
N TYR A 42 -1.18 -0.81 -16.36
CA TYR A 42 -2.35 -1.63 -16.49
C TYR A 42 -3.49 -0.79 -17.05
N GLY A 43 -4.20 -1.32 -18.04
CA GLY A 43 -5.40 -0.65 -18.48
C GLY A 43 -5.12 0.69 -19.17
N GLY A 44 -3.89 0.92 -19.65
CA GLY A 44 -3.59 2.13 -20.41
C GLY A 44 -3.48 3.41 -19.57
N SER A 45 -3.46 3.29 -18.23
CA SER A 45 -3.44 4.49 -17.41
C SER A 45 -2.43 4.34 -16.26
N PHE A 46 -2.00 5.50 -15.75
CA PHE A 46 -1.15 5.57 -14.58
C PHE A 46 -1.76 6.52 -13.57
N PRO A 47 -2.20 6.06 -12.38
CA PRO A 47 -2.35 4.67 -12.02
C PRO A 47 -3.33 3.89 -12.89
N GLY A 48 -3.29 2.56 -12.75
CA GLY A 48 -4.25 1.65 -13.34
C GLY A 48 -5.65 1.91 -12.78
N PRO A 49 -6.69 1.33 -13.37
CA PRO A 49 -8.04 1.57 -12.92
C PRO A 49 -8.24 1.06 -11.51
N THR A 50 -9.08 1.80 -10.81
CA THR A 50 -9.50 1.36 -9.48
C THR A 50 -10.60 0.32 -9.66
N LEU A 51 -10.44 -0.85 -9.05
CA LEU A 51 -11.44 -1.88 -9.06
C LEU A 51 -12.25 -1.74 -7.77
N ARG A 52 -13.58 -1.65 -7.86
CA ARG A 52 -14.40 -1.46 -6.68
C ARG A 52 -15.36 -2.64 -6.57
N VAL A 53 -15.29 -3.34 -5.44
CA VAL A 53 -16.05 -4.54 -5.21
C VAL A 53 -16.71 -4.47 -3.85
N ARG A 54 -17.53 -5.48 -3.61
CA ARG A 54 -18.18 -5.73 -2.33
C ARG A 54 -17.80 -7.09 -1.77
N PRO A 55 -17.88 -7.30 -0.44
CA PRO A 55 -17.71 -8.64 0.11
C PRO A 55 -18.63 -9.60 -0.60
N ARG A 56 -18.10 -10.78 -0.84
CA ARG A 56 -18.78 -11.90 -1.46
C ARG A 56 -18.75 -11.83 -2.98
N ASP A 57 -18.31 -10.72 -3.55
CA ASP A 57 -18.14 -10.68 -4.99
C ASP A 57 -17.10 -11.71 -5.43
N THR A 58 -17.28 -12.20 -6.65
CA THR A 58 -16.26 -12.91 -7.38
C THR A 58 -15.51 -11.91 -8.23
N VAL A 59 -14.18 -12.05 -8.23
CA VAL A 59 -13.32 -11.31 -9.11
C VAL A 59 -12.75 -12.31 -10.09
N ARG A 60 -12.79 -11.97 -11.37
CA ARG A 60 -12.15 -12.78 -12.38
C ARG A 60 -11.36 -11.83 -13.25
N LEU A 61 -10.06 -11.70 -12.97
CA LEU A 61 -9.22 -10.71 -13.63
C LEU A 61 -8.23 -11.47 -14.51
N THR A 62 -8.37 -11.29 -15.82
CA THR A 62 -7.41 -11.85 -16.77
C THR A 62 -6.30 -10.83 -16.99
N LEU A 63 -5.08 -11.13 -16.54
CA LEU A 63 -3.94 -10.28 -16.81
C LEU A 63 -3.31 -10.75 -18.13
N GLU A 64 -3.27 -9.87 -19.08
CA GLU A 64 -2.58 -10.09 -20.33
C GLU A 64 -1.24 -9.40 -20.29
N ASN A 65 -0.17 -10.19 -20.35
CA ASN A 65 1.19 -9.66 -20.36
C ASN A 65 1.66 -9.23 -21.74
N ARG A 66 1.60 -7.92 -22.01
CA ARG A 66 2.11 -7.34 -23.24
C ARG A 66 3.41 -6.59 -22.99
N LEU A 67 4.17 -6.99 -21.94
CA LEU A 67 5.50 -6.45 -21.67
C LEU A 67 6.51 -7.35 -22.39
N PRO A 68 7.76 -6.91 -22.56
CA PRO A 68 8.80 -7.79 -23.11
C PRO A 68 9.43 -8.70 -22.07
N GLU A 69 8.99 -8.61 -20.80
CA GLU A 69 9.53 -9.41 -19.72
C GLU A 69 8.35 -10.11 -19.04
N PRO A 70 8.62 -11.20 -18.30
CA PRO A 70 7.60 -11.89 -17.53
C PRO A 70 7.07 -10.97 -16.43
N THR A 71 5.89 -11.29 -15.95
CA THR A 71 5.29 -10.52 -14.85
C THR A 71 4.30 -11.41 -14.11
N ASN A 72 3.74 -10.89 -13.01
CA ASN A 72 2.60 -11.50 -12.38
C ASN A 72 1.88 -10.38 -11.61
N LEU A 73 0.80 -10.74 -10.90
CA LEU A 73 -0.01 -9.75 -10.21
C LEU A 73 -0.20 -10.22 -8.78
N HIS A 74 -0.09 -9.27 -7.86
CA HIS A 74 -0.31 -9.54 -6.46
C HIS A 74 -1.44 -8.63 -6.02
N TRP A 75 -2.31 -9.18 -5.18
CA TRP A 75 -3.45 -8.47 -4.63
C TRP A 75 -3.11 -8.05 -3.20
N HIS A 76 -2.38 -6.94 -3.06
CA HIS A 76 -1.80 -6.53 -1.81
C HIS A 76 -2.90 -6.29 -0.78
N GLY A 77 -2.80 -6.99 0.34
CA GLY A 77 -3.71 -6.78 1.46
C GLY A 77 -4.93 -7.72 1.45
N LEU A 78 -5.25 -8.33 0.30
CA LEU A 78 -6.44 -9.16 0.24
C LEU A 78 -6.18 -10.50 0.91
N PRO A 79 -6.99 -10.92 1.90
CA PRO A 79 -6.76 -12.20 2.58
C PRO A 79 -7.37 -13.34 1.80
N ILE A 80 -6.79 -13.65 0.64
CA ILE A 80 -7.26 -14.72 -0.22
C ILE A 80 -6.20 -15.80 -0.26
N SER A 81 -6.53 -16.91 -0.88
CA SER A 81 -5.66 -18.06 -0.88
C SER A 81 -4.39 -17.79 -1.66
N PRO A 82 -3.21 -18.22 -1.15
CA PRO A 82 -1.97 -18.11 -1.91
C PRO A 82 -1.89 -19.07 -3.09
N LYS A 83 -2.88 -19.99 -3.20
CA LYS A 83 -3.00 -20.83 -4.37
C LYS A 83 -3.48 -19.99 -5.55
N VAL A 84 -4.22 -18.91 -5.25
CA VAL A 84 -4.60 -17.95 -6.30
C VAL A 84 -3.62 -16.79 -6.43
N ASP A 85 -3.36 -16.11 -5.31
CA ASP A 85 -2.41 -15.03 -5.30
C ASP A 85 -1.03 -15.64 -5.03
N ASP A 86 -0.45 -16.16 -6.10
CA ASP A 86 0.64 -17.09 -5.99
C ASP A 86 1.90 -16.31 -6.31
N PRO A 87 2.78 -16.04 -5.32
CA PRO A 87 3.97 -15.25 -5.58
C PRO A 87 5.01 -15.91 -6.47
N PHE A 88 4.83 -17.20 -6.79
CA PHE A 88 5.79 -17.96 -7.56
C PHE A 88 5.33 -18.08 -9.01
N LEU A 89 4.13 -17.58 -9.34
CA LEU A 89 3.65 -17.65 -10.70
C LEU A 89 4.44 -16.67 -11.57
N GLU A 90 4.71 -17.06 -12.80
CA GLU A 90 5.32 -16.19 -13.78
C GLU A 90 4.53 -16.30 -15.08
N ILE A 91 4.00 -15.18 -15.56
CA ILE A 91 3.29 -15.08 -16.81
C ILE A 91 4.29 -14.63 -17.87
N PRO A 92 4.64 -15.48 -18.85
CA PRO A 92 5.57 -15.07 -19.88
C PRO A 92 5.06 -13.97 -20.78
N PRO A 93 5.97 -13.20 -21.42
CA PRO A 93 5.56 -12.22 -22.40
C PRO A 93 4.59 -12.84 -23.39
N GLY A 94 3.50 -12.12 -23.66
CA GLY A 94 2.51 -12.52 -24.64
C GLY A 94 1.43 -13.45 -24.09
N GLU A 95 1.58 -13.96 -22.87
CA GLU A 95 0.60 -14.89 -22.34
C GLU A 95 -0.29 -14.17 -21.34
N SER A 96 -1.33 -14.87 -20.90
CA SER A 96 -2.35 -14.33 -20.00
C SER A 96 -2.55 -15.30 -18.89
N TRP A 97 -3.14 -14.81 -17.81
CA TRP A 97 -3.47 -15.65 -16.70
C TRP A 97 -4.73 -15.08 -16.04
N THR A 98 -5.67 -15.94 -15.65
CA THR A 98 -6.87 -15.48 -14.97
C THR A 98 -6.82 -15.74 -13.47
N TYR A 99 -6.90 -14.66 -12.71
CA TYR A 99 -7.00 -14.71 -11.26
C TYR A 99 -8.48 -14.76 -10.91
N GLU A 100 -8.89 -15.75 -10.15
CA GLU A 100 -10.28 -15.80 -9.73
C GLU A 100 -10.34 -16.06 -8.23
N PHE A 101 -11.05 -15.18 -7.52
CA PHE A 101 -11.20 -15.35 -6.09
C PHE A 101 -12.51 -14.72 -5.65
N THR A 102 -12.91 -15.02 -4.42
CA THR A 102 -14.03 -14.38 -3.78
C THR A 102 -13.52 -13.39 -2.74
N VAL A 103 -14.16 -12.24 -2.69
CA VAL A 103 -13.86 -11.23 -1.71
C VAL A 103 -14.39 -11.70 -0.35
N PRO A 104 -13.53 -11.80 0.68
CA PRO A 104 -14.01 -12.26 2.00
C PRO A 104 -15.18 -11.45 2.57
N LYS A 105 -16.04 -12.13 3.34
CA LYS A 105 -17.06 -11.43 4.09
C LYS A 105 -16.40 -10.52 5.12
N GLU A 106 -17.01 -9.39 5.36
CA GLU A 106 -16.56 -8.50 6.43
C GLU A 106 -15.27 -7.76 6.08
N LEU A 107 -14.73 -7.96 4.89
CA LEU A 107 -13.58 -7.16 4.50
C LEU A 107 -14.05 -5.77 4.11
N ALA A 108 -13.23 -4.74 4.39
CA ALA A 108 -13.51 -3.37 3.97
C ALA A 108 -12.17 -2.64 3.84
N GLY A 109 -12.10 -1.67 2.93
CA GLY A 109 -10.97 -0.77 2.92
C GLY A 109 -10.35 -0.64 1.53
N THR A 110 -9.15 -0.08 1.53
CA THR A 110 -8.41 0.18 0.30
C THR A 110 -7.26 -0.82 0.24
N PHE A 111 -7.12 -1.44 -0.91
CA PHE A 111 -6.15 -2.48 -1.18
C PHE A 111 -5.51 -2.06 -2.51
N TRP A 112 -4.58 -2.84 -3.01
CA TRP A 112 -4.01 -2.47 -4.29
C TRP A 112 -3.38 -3.65 -4.97
N TYR A 113 -3.10 -3.48 -6.26
CA TYR A 113 -2.56 -4.56 -7.05
C TYR A 113 -1.31 -4.03 -7.75
N HIS A 114 -0.31 -4.91 -7.82
CA HIS A 114 0.96 -4.56 -8.41
C HIS A 114 1.73 -5.82 -8.77
N PRO A 115 2.82 -5.70 -9.52
CA PRO A 115 3.58 -6.88 -9.94
C PRO A 115 4.35 -7.46 -8.80
N HIS A 116 4.64 -8.75 -8.93
CA HIS A 116 5.27 -9.44 -7.83
C HIS A 116 6.15 -10.58 -8.30
N LEU A 117 6.89 -10.38 -9.38
CA LEU A 117 7.81 -11.40 -9.87
C LEU A 117 9.10 -11.33 -9.04
N HIS A 118 9.39 -12.36 -8.25
CA HIS A 118 10.43 -12.27 -7.24
C HIS A 118 11.77 -11.95 -7.89
N GLY A 119 12.45 -11.01 -7.25
CA GLY A 119 13.71 -10.49 -7.71
C GLY A 119 13.59 -9.37 -8.75
N ARG A 120 12.38 -9.15 -9.32
CA ARG A 120 12.16 -8.23 -10.42
C ARG A 120 10.98 -7.29 -10.17
N VAL A 121 10.62 -7.08 -8.91
CA VAL A 121 9.50 -6.21 -8.57
C VAL A 121 9.81 -4.74 -8.76
N ALA A 122 10.98 -4.29 -8.25
CA ALA A 122 11.21 -2.88 -8.13
C ALA A 122 11.14 -2.18 -9.47
N PRO A 123 11.80 -2.64 -10.56
CA PRO A 123 11.69 -1.93 -11.83
C PRO A 123 10.29 -1.93 -12.44
N GLN A 124 9.49 -2.99 -12.20
CA GLN A 124 8.15 -3.03 -12.75
C GLN A 124 7.23 -2.06 -12.00
N LEU A 125 7.30 -2.09 -10.66
CA LEU A 125 6.46 -1.17 -9.89
C LEU A 125 6.87 0.28 -10.13
N PHE A 126 8.17 0.53 -10.28
CA PHE A 126 8.60 1.90 -10.44
C PHE A 126 8.11 2.44 -11.78
N ALA A 127 7.94 1.54 -12.76
CA ALA A 127 7.64 1.93 -14.13
C ALA A 127 6.16 2.28 -14.35
N GLY A 128 5.30 2.06 -13.33
CA GLY A 128 3.92 2.52 -13.36
C GLY A 128 2.85 1.43 -13.23
N LEU A 129 3.24 0.19 -12.96
CA LEU A 129 2.29 -0.91 -12.89
C LEU A 129 1.71 -1.00 -11.47
N LEU A 130 0.57 -0.34 -11.25
CA LEU A 130 -0.11 -0.44 -9.97
C LEU A 130 -1.51 0.12 -10.15
N GLY A 131 -2.40 -0.23 -9.23
CA GLY A 131 -3.72 0.35 -9.19
C GLY A 131 -4.39 -0.07 -7.89
N ALA A 132 -5.50 0.58 -7.60
CA ALA A 132 -6.17 0.39 -6.31
C ALA A 132 -7.33 -0.60 -6.45
N LEU A 133 -7.70 -1.20 -5.32
CA LEU A 133 -8.88 -2.03 -5.20
C LEU A 133 -9.61 -1.58 -3.95
N VAL A 134 -10.84 -1.13 -4.11
CA VAL A 134 -11.63 -0.71 -2.99
C VAL A 134 -12.70 -1.74 -2.70
N VAL A 135 -12.83 -2.09 -1.44
CA VAL A 135 -13.87 -2.97 -0.95
C VAL A 135 -14.87 -2.12 -0.19
N GLU A 136 -16.05 -1.96 -0.80
CA GLU A 136 -17.14 -1.18 -0.24
C GLU A 136 -17.81 -1.96 0.87
N SER A 137 -18.23 -1.31 1.94
CA SER A 137 -18.84 -2.08 3.01
C SER A 137 -20.18 -1.46 3.36
N SER A 138 -20.92 -2.21 4.19
CA SER A 138 -22.21 -1.69 4.60
C SER A 138 -22.01 -0.45 5.45
N LEU A 139 -20.86 -0.34 6.12
CA LEU A 139 -20.62 0.81 6.96
C LEU A 139 -20.60 2.09 6.13
N ASP A 140 -20.23 1.98 4.83
CA ASP A 140 -20.20 3.15 3.95
C ASP A 140 -21.56 3.81 3.77
N ALA A 141 -22.65 3.12 4.15
CA ALA A 141 -23.99 3.69 4.05
C ALA A 141 -24.39 4.56 5.25
N ILE A 142 -23.62 4.58 6.34
CA ILE A 142 -24.03 5.44 7.45
C ILE A 142 -24.00 6.90 7.00
N PRO A 143 -24.85 7.75 7.58
CA PRO A 143 -24.97 9.15 7.14
C PRO A 143 -23.62 9.86 7.14
N GLU A 144 -22.82 9.59 8.18
CA GLU A 144 -21.59 10.33 8.39
C GLU A 144 -20.56 10.00 7.32
N LEU A 145 -20.75 8.89 6.61
CA LEU A 145 -19.84 8.51 5.54
C LEU A 145 -20.47 8.72 4.17
N ARG A 146 -21.72 8.30 4.02
CA ARG A 146 -22.42 8.31 2.74
C ARG A 146 -22.49 9.72 2.14
N GLU A 147 -22.56 10.75 3.00
CA GLU A 147 -22.72 12.13 2.56
C GLU A 147 -21.37 12.84 2.42
N ALA A 148 -20.28 12.11 2.65
CA ALA A 148 -18.97 12.71 2.45
C ALA A 148 -18.63 12.71 0.96
N GLU A 149 -17.73 13.59 0.55
CA GLU A 149 -17.13 13.52 -0.78
C GLU A 149 -15.90 12.61 -0.70
N GLU A 150 -15.88 11.54 -1.49
CA GLU A 150 -14.85 10.53 -1.43
C GLU A 150 -13.85 10.72 -2.56
N HIS A 151 -12.56 10.62 -2.22
CA HIS A 151 -11.54 10.59 -3.24
C HIS A 151 -10.48 9.57 -2.86
N LEU A 152 -9.86 8.99 -3.87
CA LEU A 152 -8.68 8.17 -3.70
C LEU A 152 -7.47 9.02 -4.05
N LEU A 153 -6.45 9.00 -3.17
CA LEU A 153 -5.17 9.63 -3.46
C LEU A 153 -4.09 8.56 -3.49
N VAL A 154 -3.62 8.26 -4.71
CA VAL A 154 -2.53 7.35 -4.94
C VAL A 154 -1.23 8.15 -4.98
N LEU A 155 -0.41 7.92 -3.96
CA LEU A 155 0.82 8.65 -3.71
C LEU A 155 1.95 7.84 -4.32
N LYS A 156 2.49 8.34 -5.45
CA LYS A 156 3.50 7.56 -6.12
C LYS A 156 4.43 8.51 -6.85
N ASP A 157 5.72 8.37 -6.58
CA ASP A 157 6.75 9.20 -7.17
C ASP A 157 7.35 8.52 -8.40
N LEU A 158 8.08 9.29 -9.17
CA LEU A 158 8.58 8.84 -10.46
C LEU A 158 9.82 9.66 -10.83
N ALA A 159 10.73 9.05 -11.57
CA ALA A 159 11.77 9.83 -12.20
C ALA A 159 11.85 9.33 -13.63
N LEU A 160 12.18 10.24 -14.53
CA LEU A 160 12.20 9.91 -15.95
C LEU A 160 13.59 10.16 -16.49
N GLN A 161 14.00 9.30 -17.40
CA GLN A 161 15.23 9.46 -18.16
C GLN A 161 14.98 8.97 -19.57
N GLY A 162 15.27 9.80 -20.55
CA GLY A 162 15.04 9.40 -21.94
C GLY A 162 13.57 9.16 -22.21
N GLY A 163 12.69 9.82 -21.44
CA GLY A 163 11.24 9.71 -21.58
C GLY A 163 10.66 8.39 -21.06
N ARG A 164 11.43 7.63 -20.29
CA ARG A 164 10.94 6.39 -19.70
C ARG A 164 11.25 6.45 -18.22
N PRO A 165 10.62 5.63 -17.37
CA PRO A 165 11.02 5.60 -15.97
C PRO A 165 12.50 5.29 -15.82
N ALA A 166 13.17 6.09 -14.97
CA ALA A 166 14.62 6.02 -14.85
C ALA A 166 15.08 4.64 -14.42
N PRO A 167 16.15 4.09 -15.01
CA PRO A 167 16.67 2.79 -14.57
C PRO A 167 17.21 2.86 -13.15
N HIS A 168 17.24 1.69 -12.48
CA HIS A 168 17.82 1.53 -11.18
C HIS A 168 19.34 1.64 -11.23
N THR A 169 19.90 2.44 -10.30
CA THR A 169 21.34 2.54 -10.08
C THR A 169 21.74 1.62 -8.93
N PRO A 170 23.04 1.42 -8.70
CA PRO A 170 23.46 0.76 -7.46
C PRO A 170 22.99 1.35 -6.13
N MET A 171 22.94 2.69 -6.00
CA MET A 171 22.45 3.31 -4.77
C MET A 171 20.96 3.04 -4.57
N ASP A 172 20.25 2.92 -5.70
CA ASP A 172 18.82 2.66 -5.63
C ASP A 172 18.57 1.32 -4.96
N TRP A 173 19.46 0.35 -5.17
CA TRP A 173 19.24 -1.00 -4.65
C TRP A 173 19.41 -1.04 -3.15
N MET A 174 20.25 -0.13 -2.65
CA MET A 174 20.50 -0.02 -1.21
C MET A 174 19.40 0.76 -0.49
N ASN A 175 18.99 1.93 -0.99
CA ASN A 175 18.05 2.76 -0.27
C ASN A 175 16.60 2.53 -0.71
N GLY A 176 16.42 1.94 -1.89
CA GLY A 176 15.14 2.04 -2.53
C GLY A 176 15.13 3.28 -3.41
N LYS A 177 14.44 3.22 -4.52
CA LYS A 177 14.48 4.30 -5.48
C LYS A 177 13.34 5.27 -5.24
N GLU A 178 13.70 6.54 -5.10
CA GLU A 178 12.74 7.62 -5.03
C GLU A 178 12.88 8.44 -6.31
N GLY A 179 11.81 9.11 -6.68
CA GLY A 179 11.83 9.98 -7.85
C GLY A 179 11.64 11.43 -7.45
N ASP A 180 12.01 12.32 -8.35
CA ASP A 180 11.89 13.73 -8.12
C ASP A 180 10.47 14.25 -8.40
N LEU A 181 9.64 13.52 -9.15
CA LEU A 181 8.26 13.91 -9.43
C LEU A 181 7.39 13.24 -8.37
N VAL A 182 6.87 14.02 -7.43
CA VAL A 182 6.11 13.42 -6.35
C VAL A 182 4.63 13.69 -6.65
N LEU A 183 3.96 12.66 -7.15
CA LEU A 183 2.70 12.77 -7.87
C LEU A 183 1.55 12.25 -7.00
N VAL A 184 0.37 12.78 -7.29
CA VAL A 184 -0.88 12.34 -6.71
C VAL A 184 -1.77 11.93 -7.88
N ASN A 185 -2.13 10.64 -7.95
CA ASN A 185 -2.96 10.11 -9.03
C ASN A 185 -2.31 10.37 -10.37
N GLY A 186 -0.97 10.37 -10.38
CA GLY A 186 -0.20 10.54 -11.58
C GLY A 186 -0.07 11.99 -12.03
N ALA A 187 -0.51 12.95 -11.22
CA ALA A 187 -0.50 14.38 -11.51
C ALA A 187 0.43 15.10 -10.56
N LEU A 188 1.02 16.19 -11.05
CA LEU A 188 1.93 17.00 -10.25
C LEU A 188 1.17 18.15 -9.60
N ARG A 189 1.05 18.12 -8.27
CA ARG A 189 0.47 19.21 -7.50
C ARG A 189 -0.88 19.64 -8.08
N PRO A 190 -1.82 18.71 -8.20
CA PRO A 190 -3.19 19.04 -8.59
C PRO A 190 -3.91 19.86 -7.52
N THR A 191 -5.04 20.44 -7.92
CA THR A 191 -5.92 21.16 -7.03
C THR A 191 -7.23 20.39 -6.95
N LEU A 192 -7.65 20.11 -5.72
CA LEU A 192 -8.92 19.50 -5.44
C LEU A 192 -9.84 20.59 -4.96
N VAL A 193 -10.85 20.89 -5.78
CA VAL A 193 -11.86 21.86 -5.38
C VAL A 193 -13.02 21.11 -4.76
N ALA A 194 -13.08 21.07 -3.43
CA ALA A 194 -14.09 20.30 -2.75
C ALA A 194 -15.46 20.91 -2.98
N GLN A 195 -16.47 20.06 -3.18
CA GLN A 195 -17.84 20.54 -3.26
C GLN A 195 -18.62 20.28 -1.97
N LYS A 196 -18.15 19.38 -1.13
CA LYS A 196 -18.78 19.09 0.14
C LYS A 196 -17.80 19.38 1.26
N ALA A 197 -18.32 19.53 2.46
CA ALA A 197 -17.51 19.99 3.55
C ALA A 197 -16.87 18.85 4.32
N THR A 198 -17.34 17.62 4.17
CA THR A 198 -16.63 16.48 4.75
C THR A 198 -16.02 15.71 3.59
N LEU A 199 -14.73 15.41 3.68
CA LEU A 199 -14.04 14.61 2.68
C LEU A 199 -13.69 13.27 3.30
N ARG A 200 -13.83 12.21 2.52
CA ARG A 200 -13.35 10.90 2.91
C ARG A 200 -12.21 10.58 1.94
N LEU A 201 -10.98 10.55 2.44
CA LEU A 201 -9.83 10.39 1.55
C LEU A 201 -9.25 9.01 1.81
N ARG A 202 -9.20 8.20 0.76
CA ARG A 202 -8.51 6.92 0.75
C ARG A 202 -7.09 7.18 0.28
N LEU A 203 -6.10 6.77 1.08
CA LEU A 203 -4.70 7.13 0.85
C LEU A 203 -3.94 5.83 0.62
N LEU A 204 -3.15 5.82 -0.47
CA LEU A 204 -2.38 4.67 -0.83
C LEU A 204 -0.96 5.13 -1.12
N ASN A 205 0.01 4.56 -0.43
CA ASN A 205 1.41 4.77 -0.78
C ASN A 205 1.81 3.63 -1.70
N ALA A 206 1.84 3.94 -3.00
CA ALA A 206 2.24 2.94 -3.98
C ALA A 206 3.65 3.18 -4.47
N SER A 207 4.46 3.91 -3.70
CA SER A 207 5.81 4.22 -4.11
C SER A 207 6.69 3.00 -3.83
N ASN A 208 7.79 2.89 -4.54
CA ASN A 208 8.80 1.89 -4.25
C ASN A 208 9.36 2.00 -2.85
N ALA A 209 9.66 3.23 -2.40
CA ALA A 209 10.55 3.47 -1.28
C ALA A 209 10.20 4.76 -0.51
N ARG A 210 9.61 5.75 -1.18
CA ARG A 210 9.33 7.04 -0.56
C ARG A 210 8.29 6.87 0.53
N TYR A 211 8.54 7.55 1.66
CA TYR A 211 7.59 7.67 2.76
C TYR A 211 6.87 9.01 2.64
N TYR A 212 5.66 9.06 3.14
CA TYR A 212 4.87 10.29 3.12
C TYR A 212 4.40 10.59 4.54
N ARG A 213 5.05 11.57 5.15
CA ARG A 213 4.63 12.04 6.46
C ARG A 213 3.55 13.12 6.24
N LEU A 214 2.29 12.70 6.10
CA LEU A 214 1.23 13.56 5.61
C LEU A 214 0.70 14.50 6.67
N ALA A 215 0.44 15.73 6.22
CA ALA A 215 -0.27 16.69 7.03
C ALA A 215 -1.06 17.58 6.07
N LEU A 216 -2.21 17.98 6.57
CA LEU A 216 -3.08 18.93 5.90
C LEU A 216 -3.12 20.21 6.71
N GLN A 217 -2.71 21.28 6.07
CA GLN A 217 -2.67 22.58 6.72
C GLN A 217 -3.98 22.90 7.41
N ASP A 218 -3.91 23.26 8.68
CA ASP A 218 -5.04 23.74 9.47
C ASP A 218 -6.13 22.70 9.73
N HIS A 219 -5.88 21.41 9.48
CA HIS A 219 -6.90 20.39 9.63
C HIS A 219 -6.28 19.19 10.32
N PRO A 220 -6.93 18.70 11.39
CA PRO A 220 -6.65 17.35 11.87
C PRO A 220 -7.14 16.37 10.81
N LEU A 221 -6.60 15.17 10.85
CA LEU A 221 -7.09 14.06 10.06
C LEU A 221 -7.77 13.13 11.06
N TYR A 222 -8.93 12.62 10.70
CA TYR A 222 -9.65 11.67 11.54
C TYR A 222 -9.50 10.31 10.88
N LEU A 223 -8.58 9.52 11.41
CA LEU A 223 -8.30 8.22 10.85
C LEU A 223 -9.48 7.30 11.09
N ILE A 224 -9.99 6.68 10.03
CA ILE A 224 -11.09 5.76 10.12
C ILE A 224 -10.77 4.36 9.65
N ALA A 225 -9.73 4.19 8.84
CA ALA A 225 -9.33 2.86 8.43
C ALA A 225 -7.82 2.81 8.30
N ALA A 226 -7.26 1.64 8.61
CA ALA A 226 -5.85 1.36 8.41
C ALA A 226 -5.76 0.55 7.13
N ASP A 227 -4.68 -0.18 6.96
CA ASP A 227 -4.44 -0.89 5.70
C ASP A 227 -5.60 -1.80 5.30
N GLY A 228 -6.11 -2.57 6.27
CA GLY A 228 -6.89 -3.75 5.99
C GLY A 228 -8.29 -3.73 6.59
N GLY A 229 -8.71 -2.57 7.10
CA GLY A 229 -10.05 -2.45 7.66
C GLY A 229 -10.22 -1.20 8.48
N PHE A 230 -11.45 -1.02 8.96
CA PHE A 230 -11.81 0.10 9.79
C PHE A 230 -11.23 0.01 11.20
N LEU A 231 -11.01 1.17 11.77
CA LEU A 231 -10.80 1.33 13.21
C LEU A 231 -12.15 1.08 13.91
N GLU A 232 -12.12 1.04 15.23
CA GLU A 232 -13.37 0.90 15.98
C GLU A 232 -14.07 2.22 16.17
N GLU A 233 -13.31 3.33 16.19
CA GLU A 233 -13.86 4.67 16.20
C GLU A 233 -12.83 5.59 15.56
N PRO A 234 -13.22 6.78 15.06
CA PRO A 234 -12.24 7.69 14.46
C PRO A 234 -11.17 8.08 15.48
N LEU A 235 -9.95 8.21 14.98
CA LEU A 235 -8.82 8.65 15.76
C LEU A 235 -8.28 9.94 15.15
N GLU A 236 -8.33 11.02 15.94
CA GLU A 236 -7.80 12.29 15.50
C GLU A 236 -6.27 12.26 15.55
N VAL A 237 -5.62 12.59 14.42
CA VAL A 237 -4.18 12.73 14.35
C VAL A 237 -3.84 14.07 13.68
N SER A 238 -2.64 14.61 13.98
CA SER A 238 -2.25 15.84 13.32
C SER A 238 -1.50 15.53 12.04
N GLU A 239 -0.93 14.34 11.98
CA GLU A 239 -0.15 13.93 10.82
C GLU A 239 -0.21 12.42 10.75
N LEU A 240 0.16 11.88 9.59
CA LEU A 240 0.02 10.46 9.39
C LEU A 240 1.17 9.99 8.51
N LEU A 241 2.02 9.09 9.03
CA LEU A 241 3.09 8.54 8.23
C LEU A 241 2.61 7.32 7.46
N LEU A 242 2.79 7.34 6.14
CA LEU A 242 2.48 6.23 5.27
C LEU A 242 3.78 5.73 4.67
N ALA A 243 4.15 4.53 5.09
CA ALA A 243 5.29 3.83 4.53
C ALA A 243 4.87 3.12 3.23
N PRO A 244 5.83 2.74 2.35
CA PRO A 244 5.47 2.02 1.13
C PRO A 244 4.57 0.80 1.37
N GLY A 245 3.43 0.79 0.67
CA GLY A 245 2.45 -0.25 0.69
C GLY A 245 1.36 -0.02 1.75
N GLU A 246 1.54 0.95 2.64
CA GLU A 246 0.50 1.27 3.61
C GLU A 246 -0.68 2.02 2.95
N ARG A 247 -1.86 1.83 3.54
CA ARG A 247 -3.03 2.60 3.17
C ARG A 247 -3.67 3.12 4.45
N ALA A 248 -4.49 4.14 4.24
CA ALA A 248 -5.30 4.66 5.33
C ALA A 248 -6.50 5.36 4.73
N GLU A 249 -7.51 5.55 5.54
CA GLU A 249 -8.64 6.34 5.13
C GLU A 249 -8.87 7.34 6.25
N VAL A 250 -9.08 8.58 5.83
CA VAL A 250 -9.27 9.67 6.79
C VAL A 250 -10.50 10.48 6.39
N LEU A 251 -11.16 11.05 7.41
CA LEU A 251 -12.13 12.11 7.23
C LEU A 251 -11.46 13.46 7.49
N VAL A 252 -11.83 14.44 6.67
CA VAL A 252 -11.40 15.81 6.82
C VAL A 252 -12.66 16.66 6.90
N ARG A 253 -12.71 17.49 7.92
CA ARG A 253 -13.86 18.36 8.16
C ARG A 253 -13.45 19.75 7.77
N LEU A 254 -13.97 20.24 6.64
CA LEU A 254 -13.64 21.56 6.15
C LEU A 254 -14.53 22.55 6.89
N ARG A 255 -13.98 23.27 7.86
CA ARG A 255 -14.76 24.19 8.70
C ARG A 255 -14.75 25.60 8.16
N LYS A 256 -13.81 25.92 7.27
CA LYS A 256 -13.62 27.28 6.79
C LYS A 256 -13.27 27.29 5.31
N GLU A 257 -13.77 28.28 4.58
CA GLU A 257 -13.32 28.51 3.23
C GLU A 257 -11.81 28.77 3.23
N GLY A 258 -11.14 28.37 2.14
CA GLY A 258 -9.74 28.65 2.01
C GLY A 258 -9.03 27.69 1.05
N ARG A 259 -7.73 27.82 1.03
CA ARG A 259 -6.83 27.11 0.13
C ARG A 259 -5.75 26.48 1.00
N PHE A 260 -5.71 25.16 1.09
CA PHE A 260 -4.94 24.47 2.12
C PHE A 260 -3.94 23.52 1.46
N LEU A 261 -2.71 23.52 1.97
CA LEU A 261 -1.65 22.63 1.48
C LEU A 261 -1.74 21.25 2.13
N LEU A 262 -1.77 20.21 1.29
CA LEU A 262 -1.51 18.86 1.74
C LEU A 262 -0.07 18.59 1.40
N GLN A 263 0.71 18.28 2.44
CA GLN A 263 2.13 18.11 2.27
C GLN A 263 2.66 16.80 2.86
N ALA A 264 3.80 16.41 2.29
CA ALA A 264 4.65 15.35 2.83
C ALA A 264 5.81 16.02 3.55
N LEU A 265 5.76 16.03 4.86
CA LEU A 265 6.70 16.72 5.72
C LEU A 265 8.01 15.92 5.75
N PRO A 266 9.13 16.56 6.15
CA PRO A 266 10.42 15.86 6.11
C PRO A 266 10.39 14.65 7.05
N TYR A 267 11.00 13.59 6.54
CA TYR A 267 11.09 12.35 7.29
C TYR A 267 12.41 11.67 6.96
N ASP A 268 13.20 11.36 7.98
CA ASP A 268 14.47 10.68 7.74
C ASP A 268 14.29 9.18 8.01
N ARG A 269 14.31 8.40 6.96
CA ARG A 269 14.07 6.96 7.08
C ARG A 269 15.38 6.18 7.15
N GLY A 270 16.50 6.89 7.30
CA GLY A 270 17.79 6.24 7.48
C GLY A 270 18.50 5.91 6.19
N ALA A 271 18.14 6.54 5.07
CA ALA A 271 18.83 6.36 3.81
C ALA A 271 20.29 6.78 3.99
N MET A 272 21.17 6.15 3.22
CA MET A 272 22.60 6.38 3.31
C MET A 272 23.18 6.55 1.91
N GLY A 273 24.41 7.03 1.88
CA GLY A 273 25.09 7.29 0.63
C GLY A 273 24.96 8.73 0.22
N GLY A 274 25.24 8.94 -1.06
CA GLY A 274 25.24 10.22 -1.73
C GLY A 274 23.82 10.76 -1.71
N MET A 275 23.65 11.91 -1.05
CA MET A 275 22.36 12.56 -0.93
C MET A 275 22.69 13.97 -0.47
N PRO A 276 21.85 14.99 -0.77
CA PRO A 276 22.01 16.29 -0.15
C PRO A 276 21.91 16.16 1.37
N GLN A 277 22.84 16.79 2.08
CA GLN A 277 22.67 16.93 3.52
C GLN A 277 22.27 18.38 3.72
N GLY A 278 21.89 18.72 4.93
CA GLY A 278 21.11 19.93 5.12
C GLY A 278 19.65 19.56 5.01
N PRO A 279 18.78 20.21 5.80
CA PRO A 279 17.42 19.71 6.00
C PRO A 279 16.56 19.74 4.74
N SER A 280 15.57 18.84 4.70
CA SER A 280 14.66 18.70 3.58
C SER A 280 13.47 19.63 3.75
N ARG A 281 12.87 20.10 2.66
CA ARG A 281 11.71 20.98 2.79
C ARG A 281 10.44 20.12 2.71
N PRO A 282 9.29 20.54 3.25
CA PRO A 282 8.01 19.83 2.98
C PRO A 282 7.72 19.88 1.51
N GLU A 283 7.14 18.78 0.99
CA GLU A 283 6.79 18.67 -0.41
C GLU A 283 5.28 18.85 -0.53
N THR A 284 4.83 19.83 -1.33
CA THR A 284 3.42 20.04 -1.51
C THR A 284 2.90 18.94 -2.44
N LEU A 285 1.88 18.22 -1.98
CA LEU A 285 1.29 17.17 -2.79
C LEU A 285 0.08 17.64 -3.59
N LEU A 286 -0.80 18.43 -2.94
CA LEU A 286 -1.96 18.96 -3.62
C LEU A 286 -2.41 20.22 -2.87
N TYR A 287 -3.21 21.03 -3.56
CA TYR A 287 -3.89 22.15 -2.95
C TYR A 287 -5.36 21.80 -2.81
N LEU A 288 -5.90 22.02 -1.62
CA LEU A 288 -7.28 21.72 -1.34
C LEU A 288 -8.05 23.02 -1.14
N ILE A 289 -9.10 23.21 -1.95
CA ILE A 289 -9.93 24.41 -1.92
C ILE A 289 -11.23 24.01 -1.25
N ALA A 290 -11.51 24.59 -0.09
CA ALA A 290 -12.75 24.32 0.61
C ALA A 290 -13.92 25.10 -0.04
N PRO A 291 -15.14 24.54 -0.01
CA PRO A 291 -16.29 25.25 -0.58
C PRO A 291 -16.69 26.47 0.24
N LYS A 292 -17.55 27.30 -0.38
CA LYS A 292 -18.25 28.39 0.27
C LYS A 292 -19.11 27.88 1.43
N ASN A 293 -18.99 28.55 2.58
CA ASN A 293 -19.82 28.39 3.77
C ASN A 293 -19.93 26.92 4.17
N PRO A 294 -18.77 26.26 4.43
CA PRO A 294 -18.77 24.81 4.58
C PRO A 294 -19.41 24.44 5.91
N LYS A 295 -20.26 23.41 5.91
CA LYS A 295 -20.86 22.91 7.13
C LYS A 295 -20.59 21.41 7.22
N PRO A 296 -19.51 20.97 7.87
CA PRO A 296 -19.19 19.55 7.88
C PRO A 296 -20.18 18.71 8.66
N LEU A 297 -20.25 17.44 8.28
CA LEU A 297 -21.02 16.43 8.96
C LEU A 297 -20.45 16.21 10.36
N PRO A 298 -21.21 15.65 11.31
CA PRO A 298 -20.59 15.13 12.54
C PRO A 298 -19.80 13.86 12.22
N LEU A 299 -18.76 13.61 13.01
CA LEU A 299 -18.02 12.36 12.89
C LEU A 299 -18.90 11.20 13.28
N PRO A 300 -18.69 9.99 12.73
CA PRO A 300 -19.32 8.79 13.28
C PRO A 300 -18.79 8.53 14.67
N LYS A 301 -19.66 8.17 15.63
CA LYS A 301 -19.20 7.84 16.96
C LYS A 301 -18.47 6.50 16.98
N ALA A 302 -18.92 5.59 16.12
CA ALA A 302 -18.36 4.26 16.05
C ALA A 302 -18.20 3.85 14.60
N LEU A 303 -17.28 2.93 14.34
CA LEU A 303 -17.11 2.37 13.01
C LEU A 303 -17.46 0.90 13.06
N SER A 304 -16.45 0.03 13.18
CA SER A 304 -16.70 -1.40 13.12
C SER A 304 -15.95 -2.06 14.27
N PRO A 305 -16.50 -3.13 14.88
CA PRO A 305 -15.80 -3.76 15.99
C PRO A 305 -14.66 -4.63 15.52
N PHE A 306 -13.54 -4.51 16.25
CA PHE A 306 -12.40 -5.35 15.99
C PHE A 306 -12.54 -6.65 16.77
N PRO A 307 -12.33 -7.80 16.13
CA PRO A 307 -12.58 -9.08 16.82
C PRO A 307 -11.62 -9.38 17.96
N THR A 308 -12.13 -10.02 19.04
CA THR A 308 -11.27 -10.63 20.04
C THR A 308 -10.63 -11.87 19.42
N LEU A 309 -9.30 -11.97 19.47
CA LEU A 309 -8.66 -13.10 18.84
C LEU A 309 -8.29 -14.14 19.91
N PRO A 310 -8.25 -15.44 19.55
CA PRO A 310 -7.70 -16.46 20.43
C PRO A 310 -6.32 -16.10 20.96
N ALA A 311 -5.99 -16.65 22.14
CA ALA A 311 -4.65 -16.50 22.67
C ALA A 311 -3.68 -17.16 21.69
N PRO A 312 -2.49 -16.58 21.47
CA PRO A 312 -1.53 -17.17 20.54
C PRO A 312 -0.89 -18.45 21.05
N VAL A 313 -0.48 -19.32 20.14
CA VAL A 313 0.10 -20.61 20.51
C VAL A 313 1.62 -20.62 20.33
N VAL A 314 2.18 -19.68 19.56
CA VAL A 314 3.62 -19.65 19.39
C VAL A 314 4.05 -18.19 19.18
N THR A 315 5.29 -17.90 19.59
CA THR A 315 5.93 -16.59 19.38
C THR A 315 7.10 -16.82 18.44
N ARG A 316 7.15 -16.02 17.38
CA ARG A 316 8.23 -16.06 16.38
C ARG A 316 9.05 -14.78 16.47
N ARG A 317 10.37 -14.89 16.28
CA ARG A 317 11.24 -13.72 16.22
C ARG A 317 11.83 -13.67 14.82
N LEU A 318 11.59 -12.56 14.12
CA LEU A 318 12.16 -12.31 12.80
C LEU A 318 13.04 -11.09 12.94
N VAL A 319 14.31 -11.26 12.60
CA VAL A 319 15.31 -10.20 12.70
C VAL A 319 15.70 -9.73 11.29
N LEU A 320 15.52 -8.43 11.04
CA LEU A 320 15.91 -7.83 9.76
C LEU A 320 17.34 -7.30 9.91
N THR A 321 18.21 -7.61 8.96
CA THR A 321 19.54 -7.03 8.93
C THR A 321 19.88 -6.61 7.52
N GLU A 322 20.99 -5.85 7.43
CA GLU A 322 21.45 -5.27 6.18
C GLU A 322 22.93 -5.57 5.95
N ASP A 323 23.33 -5.67 4.69
CA ASP A 323 24.71 -5.45 4.29
C ASP A 323 24.68 -4.31 3.30
N MET A 324 24.80 -3.09 3.82
CA MET A 324 24.41 -1.92 3.04
C MET A 324 25.37 -1.75 1.87
N MET A 325 26.63 -2.13 2.11
CA MET A 325 27.65 -1.98 1.07
C MET A 325 27.57 -3.01 -0.05
N ALA A 326 26.91 -4.16 0.16
CA ALA A 326 26.65 -5.09 -0.93
C ALA A 326 25.21 -4.91 -1.46
N ALA A 327 24.43 -4.04 -0.79
CA ALA A 327 23.00 -3.89 -0.99
C ALA A 327 22.37 -5.26 -0.98
N ARG A 328 22.58 -5.98 0.13
CA ARG A 328 21.94 -7.27 0.36
C ARG A 328 21.25 -7.17 1.72
N PHE A 329 20.09 -7.82 1.83
CA PHE A 329 19.24 -7.69 2.97
C PHE A 329 18.73 -9.06 3.36
N PHE A 330 18.48 -9.23 4.66
CA PHE A 330 18.31 -10.54 5.24
C PHE A 330 17.22 -10.54 6.29
N ILE A 331 16.55 -11.71 6.39
CA ILE A 331 15.66 -12.03 7.51
C ILE A 331 16.24 -13.28 8.19
N ASN A 332 16.44 -13.18 9.51
CA ASN A 332 17.08 -14.22 10.31
C ASN A 332 18.33 -14.74 9.62
N GLY A 333 19.12 -13.79 9.12
CA GLY A 333 20.41 -14.11 8.55
C GLY A 333 20.45 -14.69 7.16
N GLN A 334 19.31 -14.81 6.47
CA GLN A 334 19.34 -15.40 5.14
C GLN A 334 18.63 -14.50 4.15
N VAL A 335 19.08 -14.55 2.91
CA VAL A 335 18.34 -13.95 1.81
C VAL A 335 17.28 -14.94 1.35
N PHE A 336 16.28 -14.39 0.68
CA PHE A 336 15.19 -15.19 0.15
C PHE A 336 15.73 -16.26 -0.77
N ASP A 337 15.11 -17.45 -0.69
CA ASP A 337 15.31 -18.49 -1.70
C ASP A 337 13.94 -19.08 -1.99
N HIS A 338 13.52 -18.99 -3.24
CA HIS A 338 12.16 -19.38 -3.62
C HIS A 338 11.89 -20.87 -3.38
N ARG A 339 12.95 -21.66 -3.15
CA ARG A 339 12.80 -23.08 -2.89
C ARG A 339 12.69 -23.39 -1.41
N ARG A 340 12.92 -22.42 -0.53
CA ARG A 340 13.07 -22.73 0.87
C ARG A 340 11.84 -22.25 1.63
N VAL A 341 11.45 -22.99 2.65
CA VAL A 341 10.35 -22.62 3.51
C VAL A 341 10.98 -22.24 4.83
N ASP A 342 10.75 -21.01 5.28
CA ASP A 342 11.38 -20.52 6.49
C ASP A 342 10.55 -20.75 7.74
N LEU A 343 9.25 -20.51 7.67
CA LEU A 343 8.36 -20.66 8.82
C LEU A 343 7.24 -21.62 8.46
N LYS A 344 6.81 -22.42 9.46
CA LYS A 344 5.71 -23.36 9.30
C LYS A 344 4.70 -23.16 10.43
N GLY A 345 3.45 -22.89 10.06
CA GLY A 345 2.42 -22.63 11.07
C GLY A 345 1.16 -23.44 10.73
N GLN A 346 0.26 -23.51 11.70
CA GLN A 346 -0.98 -24.25 11.51
C GLN A 346 -2.16 -23.31 11.24
N ALA A 347 -3.01 -23.66 10.26
CA ALA A 347 -4.22 -22.90 9.98
C ALA A 347 -5.12 -22.93 11.21
N GLN A 348 -5.88 -21.84 11.42
CA GLN A 348 -6.79 -21.69 12.54
C GLN A 348 -6.07 -21.59 13.88
N THR A 349 -4.84 -21.06 13.90
CA THR A 349 -4.17 -20.69 15.13
C THR A 349 -3.79 -19.22 15.03
N VAL A 350 -3.54 -18.62 16.17
CA VAL A 350 -2.97 -17.29 16.23
C VAL A 350 -1.52 -17.41 16.68
N GLU A 351 -0.64 -16.59 16.09
CA GLU A 351 0.75 -16.48 16.50
C GLU A 351 1.09 -15.04 16.90
N VAL A 352 2.12 -14.87 17.71
CA VAL A 352 2.76 -13.58 17.92
C VAL A 352 4.04 -13.55 17.12
N TRP A 353 4.17 -12.55 16.24
CA TRP A 353 5.42 -12.33 15.55
C TRP A 353 6.06 -11.08 16.11
N GLU A 354 7.30 -11.24 16.57
CA GLU A 354 8.13 -10.15 16.99
C GLU A 354 9.13 -9.86 15.89
N VAL A 355 8.94 -8.73 15.20
CA VAL A 355 9.82 -8.39 14.10
C VAL A 355 10.77 -7.32 14.60
N GLU A 356 12.05 -7.55 14.45
CA GLU A 356 13.05 -6.69 15.04
C GLU A 356 13.95 -6.15 13.94
N ASN A 357 14.10 -4.83 13.91
CA ASN A 357 14.97 -4.18 12.94
C ASN A 357 16.37 -3.98 13.51
N GLN A 358 17.32 -4.81 13.11
CA GLN A 358 18.72 -4.66 13.47
C GLN A 358 19.54 -3.97 12.39
N GLY A 359 18.89 -3.18 11.53
CA GLY A 359 19.61 -2.34 10.60
C GLY A 359 19.63 -0.87 11.00
N ASP A 360 20.13 -0.06 10.09
CA ASP A 360 20.20 1.37 10.24
C ASP A 360 19.01 2.05 9.57
N MET A 361 18.41 1.41 8.57
CA MET A 361 17.35 2.04 7.79
C MET A 361 15.99 1.61 8.36
N ASP A 362 14.93 2.40 8.17
CA ASP A 362 13.58 1.93 8.41
C ASP A 362 13.30 0.82 7.39
N HIS A 363 12.52 -0.17 7.83
CA HIS A 363 12.02 -1.26 7.00
C HIS A 363 10.55 -1.46 7.30
N PRO A 364 9.66 -1.26 6.29
CA PRO A 364 8.23 -1.56 6.45
C PRO A 364 7.92 -3.02 6.13
N PHE A 365 7.65 -3.78 7.21
CA PHE A 365 7.43 -5.21 7.12
C PHE A 365 6.03 -5.56 6.62
N HIS A 366 5.94 -6.50 5.66
CA HIS A 366 4.67 -6.90 5.09
C HIS A 366 4.52 -8.42 5.08
N LEU A 367 3.31 -8.89 5.40
CA LEU A 367 2.99 -10.30 5.34
C LEU A 367 1.81 -10.48 4.38
N HIS A 368 2.00 -11.34 3.37
CA HIS A 368 0.91 -11.71 2.48
C HIS A 368 -0.14 -12.55 3.21
N VAL A 369 -1.40 -12.44 2.77
CA VAL A 369 -2.46 -13.42 3.05
C VAL A 369 -3.06 -13.25 4.45
N HIS A 370 -2.25 -12.96 5.47
CA HIS A 370 -2.66 -13.03 6.87
C HIS A 370 -2.52 -11.65 7.51
N PRO A 371 -3.58 -10.81 7.49
CA PRO A 371 -3.54 -9.49 8.11
C PRO A 371 -3.28 -9.67 9.60
N PHE A 372 -2.66 -8.67 10.21
CA PHE A 372 -2.32 -8.76 11.62
C PHE A 372 -2.79 -7.55 12.40
N GLN A 373 -2.90 -7.76 13.73
CA GLN A 373 -3.10 -6.67 14.66
C GLN A 373 -1.75 -6.26 15.25
N VAL A 374 -1.37 -5.00 15.04
CA VAL A 374 -0.16 -4.47 15.69
C VAL A 374 -0.48 -4.25 17.17
N LEU A 375 0.30 -4.92 18.02
CA LEU A 375 0.13 -4.74 19.46
C LEU A 375 0.97 -3.59 19.97
N SER A 376 2.22 -3.52 19.52
CA SER A 376 3.17 -2.50 19.94
C SER A 376 4.29 -2.38 18.92
N VAL A 377 4.91 -1.20 18.91
CA VAL A 377 6.08 -0.94 18.13
C VAL A 377 7.03 -0.14 19.00
N GLY A 378 8.29 -0.60 19.11
CA GLY A 378 9.27 0.14 19.85
C GLY A 378 8.94 0.17 21.35
N GLY A 379 8.19 -0.83 21.82
CA GLY A 379 7.70 -0.89 23.20
C GLY A 379 6.44 -0.06 23.46
N ARG A 380 5.98 0.74 22.49
CA ARG A 380 4.85 1.65 22.69
C ARG A 380 3.58 0.97 22.21
N PRO A 381 2.49 0.96 23.01
CA PRO A 381 1.25 0.29 22.63
C PRO A 381 0.65 1.02 21.44
N PHE A 382 0.16 0.25 20.48
CA PHE A 382 -0.44 0.80 19.28
C PHE A 382 -1.73 1.55 19.63
N PRO A 383 -1.96 2.72 19.02
CA PRO A 383 -3.09 3.57 19.40
C PRO A 383 -4.51 3.20 18.95
N TYR A 384 -4.69 2.13 18.18
CA TYR A 384 -5.99 1.74 17.71
C TYR A 384 -5.97 0.25 17.42
N ARG A 385 -7.16 -0.31 17.21
CA ARG A 385 -7.33 -1.69 16.80
C ARG A 385 -7.88 -1.67 15.37
N ALA A 386 -7.11 -2.22 14.44
CA ALA A 386 -7.55 -2.39 13.08
C ALA A 386 -6.63 -3.37 12.38
N TRP A 387 -7.09 -4.00 11.30
CA TRP A 387 -6.23 -4.89 10.55
C TRP A 387 -5.18 -4.10 9.78
N LYS A 388 -3.92 -4.52 9.94
CA LYS A 388 -2.84 -4.00 9.12
C LYS A 388 -2.14 -5.13 8.40
N ASP A 389 -1.42 -4.77 7.34
CA ASP A 389 -0.58 -5.71 6.64
C ASP A 389 0.83 -5.17 6.38
N VAL A 390 1.10 -3.90 6.66
CA VAL A 390 2.45 -3.35 6.63
C VAL A 390 2.68 -2.62 7.95
N VAL A 391 3.85 -2.81 8.56
CA VAL A 391 4.22 -2.06 9.74
C VAL A 391 5.64 -1.55 9.58
N ASN A 392 5.79 -0.24 9.82
CA ASN A 392 7.10 0.38 9.73
C ASN A 392 7.90 0.14 11.00
N LEU A 393 9.18 -0.23 10.82
CA LEU A 393 10.11 -0.37 11.93
C LEU A 393 11.28 0.57 11.70
N LYS A 394 11.51 1.49 12.65
CA LYS A 394 12.75 2.24 12.66
C LYS A 394 13.88 1.36 13.17
N ALA A 395 15.11 1.82 12.97
CA ALA A 395 16.30 1.12 13.47
C ALA A 395 16.12 0.81 14.95
N GLY A 396 16.37 -0.46 15.27
CA GLY A 396 16.34 -0.92 16.64
C GLY A 396 14.97 -1.25 17.17
N GLU A 397 13.89 -0.91 16.46
CA GLU A 397 12.56 -1.20 16.96
C GLU A 397 12.17 -2.66 16.78
N VAL A 398 11.34 -3.11 17.75
CA VAL A 398 10.61 -4.35 17.64
C VAL A 398 9.14 -4.03 17.48
N ALA A 399 8.50 -4.71 16.55
CA ALA A 399 7.04 -4.70 16.47
C ALA A 399 6.52 -6.04 16.94
N ARG A 400 5.51 -6.01 17.81
CA ARG A 400 4.82 -7.22 18.20
C ARG A 400 3.47 -7.28 17.48
N LEU A 401 3.27 -8.33 16.70
CA LEU A 401 2.08 -8.51 15.87
C LEU A 401 1.30 -9.75 16.30
N LEU A 402 -0.02 -9.68 16.34
CA LEU A 402 -0.87 -10.85 16.49
C LEU A 402 -1.32 -11.25 15.10
N VAL A 403 -0.92 -12.45 14.71
CA VAL A 403 -1.13 -12.99 13.38
C VAL A 403 -2.04 -14.22 13.41
N PRO A 404 -3.33 -14.07 13.06
CA PRO A 404 -4.22 -15.21 12.80
C PRO A 404 -3.83 -15.84 11.46
N LEU A 405 -3.54 -17.15 11.48
CA LEU A 405 -3.29 -17.88 10.25
C LEU A 405 -4.60 -18.49 9.76
N ARG A 406 -5.02 -18.07 8.56
CA ARG A 406 -6.29 -18.46 7.96
C ARG A 406 -6.02 -19.45 6.83
N GLU A 407 -5.72 -18.92 5.64
CA GLU A 407 -5.65 -19.68 4.42
C GLU A 407 -4.40 -20.55 4.44
N LYS A 408 -4.57 -21.81 4.04
CA LYS A 408 -3.45 -22.71 3.86
C LYS A 408 -2.66 -22.39 2.60
N GLY A 409 -1.37 -22.76 2.68
CA GLY A 409 -0.49 -22.69 1.54
C GLY A 409 0.78 -21.88 1.87
N ARG A 410 1.62 -21.76 0.84
CA ARG A 410 2.91 -21.11 0.98
C ARG A 410 2.78 -19.69 0.45
N THR A 411 3.20 -18.74 1.27
CA THR A 411 3.18 -17.34 0.89
C THR A 411 4.47 -16.71 1.45
N VAL A 412 4.57 -15.39 1.32
CA VAL A 412 5.81 -14.71 1.63
C VAL A 412 5.54 -13.57 2.62
N PHE A 413 6.62 -13.14 3.27
CA PHE A 413 6.70 -11.95 4.07
C PHE A 413 8.00 -11.27 3.66
N HIS A 414 8.00 -9.93 3.67
CA HIS A 414 9.13 -9.20 3.14
C HIS A 414 9.04 -7.74 3.54
N CYS A 415 10.17 -7.04 3.38
CA CYS A 415 10.18 -5.60 3.44
C CYS A 415 9.43 -5.05 2.23
N HIS A 416 8.62 -3.99 2.39
CA HIS A 416 7.96 -3.36 1.25
C HIS A 416 8.73 -2.16 0.71
N ILE A 417 9.96 -1.94 1.10
CA ILE A 417 10.84 -1.19 0.21
C ILE A 417 11.21 -2.24 -0.82
N VAL A 418 10.68 -2.12 -2.03
CA VAL A 418 10.68 -3.30 -2.90
C VAL A 418 12.07 -3.65 -3.41
N GLU A 419 12.98 -2.69 -3.44
CA GLU A 419 14.39 -2.97 -3.75
C GLU A 419 14.99 -3.90 -2.70
N HIS A 420 14.64 -3.70 -1.42
CA HIS A 420 15.14 -4.57 -0.37
C HIS A 420 14.64 -6.00 -0.52
N GLU A 421 13.37 -6.16 -0.87
CA GLU A 421 12.77 -7.44 -1.13
C GLU A 421 13.53 -8.08 -2.29
N ASP A 422 13.75 -7.33 -3.35
CA ASP A 422 14.44 -7.89 -4.50
C ASP A 422 15.85 -8.32 -4.12
N ARG A 423 16.48 -7.60 -3.18
CA ARG A 423 17.85 -7.87 -2.79
C ARG A 423 17.93 -8.74 -1.53
N GLY A 424 16.84 -9.45 -1.18
CA GLY A 424 16.95 -10.60 -0.32
C GLY A 424 16.03 -10.57 0.88
N MET A 425 15.41 -9.43 1.21
CA MET A 425 14.66 -9.31 2.45
C MET A 425 13.22 -9.85 2.31
N MET A 426 13.14 -11.16 2.15
CA MET A 426 11.88 -11.87 1.98
C MET A 426 12.12 -13.29 2.48
N GLY A 427 11.09 -13.85 3.09
CA GLY A 427 11.05 -15.26 3.44
C GLY A 427 9.70 -15.90 3.13
N VAL A 428 9.64 -17.21 3.43
CA VAL A 428 8.50 -18.03 3.04
C VAL A 428 7.86 -18.65 4.27
N LEU A 429 6.56 -18.45 4.36
CA LEU A 429 5.69 -19.01 5.38
C LEU A 429 4.82 -20.08 4.71
N GLU A 430 4.76 -21.27 5.33
CA GLU A 430 3.83 -22.32 4.90
C GLU A 430 2.83 -22.56 6.03
N VAL A 431 1.55 -22.45 5.69
CA VAL A 431 0.49 -22.74 6.64
C VAL A 431 -0.14 -24.08 6.20
N GLY A 432 -0.22 -25.01 7.13
CA GLY A 432 -0.90 -26.28 6.87
C GLY A 432 -1.93 -26.67 7.92
CU CU B . 13.75 -2.73 3.86
CU CU C . 1.30 -8.22 -0.30
CU CU D . 4.69 -9.18 -1.48
CU CU E . 2.46 -4.79 -2.06
CU CU F . -27.59 -6.06 -13.81
C1 GOL G . -2.56 2.98 8.44
O1 GOL G . -2.30 1.62 8.09
C2 GOL G . -1.58 3.66 9.38
O2 GOL G . -0.33 2.97 9.55
C3 GOL G . -1.29 5.09 8.99
O3 GOL G . -0.19 5.65 9.69
C1 GOL H . 11.43 11.74 1.50
O1 GOL H . 12.63 11.23 0.92
C2 GOL H . 11.14 11.16 2.87
O2 GOL H . 9.75 11.30 3.24
C3 GOL H . 11.57 9.71 2.99
O3 GOL H . 11.14 8.87 1.91
C1 GOL I . 23.50 -10.40 7.93
O1 GOL I . 22.55 -10.85 8.90
C2 GOL I . 24.49 -11.50 7.60
O2 GOL I . 23.78 -12.65 7.14
C3 GOL I . 25.54 -11.08 6.58
O3 GOL I . 26.22 -9.90 6.97
C1 GOL J . 17.18 -27.00 -0.93
O1 GOL J . 17.15 -26.57 -2.29
C2 GOL J . 16.29 -26.13 -0.06
O2 GOL J . 16.72 -24.77 -0.13
C3 GOL J . 14.83 -26.22 -0.44
O3 GOL J . 13.94 -26.19 0.67
#